data_7XED
#
_entry.id   7XED
#
_cell.length_a   87.290
_cell.length_b   132.550
_cell.length_c   47.340
_cell.angle_alpha   90.000
_cell.angle_beta   90.000
_cell.angle_gamma   90.000
#
_symmetry.space_group_name_H-M   'P 21 21 2'
#
loop_
_entity.id
_entity.type
_entity.pdbx_description
1 polymer 'UBC core domain-containing protein'
2 polymer 'U-box domain-containing protein 12'
3 water water
#
loop_
_entity_poly.entity_id
_entity_poly.type
_entity_poly.pdbx_seq_one_letter_code
_entity_poly.pdbx_strand_id
1 'polypeptide(L)'
;GAMASKRILKELKDLQKDPPTSCSAGPVGEDMFHWQATIMGPADSPYAGGVFLVSIHFPPDYPFKPPKVAFKTKVFHPNI
NSNGSICLDILKEQWSPALTVSKVLLSICSLLTDPNPDDPLVPEIAHMYKTDRAKYESTARGWTQKYAMG
;
A,B
2 'polypeptide(L)' GAMIIPDEFRCPISLELMQDPVIVSSGQTYERSCIQKWLDSGHKTCPKTQQPLSHTSLTPNFVLKSLISQWCEANGIELP C,D
#
# COMPACT_ATOMS: atom_id res chain seq x y z
N ALA A 2 -23.73 -0.58 -14.09
CA ALA A 2 -23.21 0.75 -13.79
C ALA A 2 -21.73 0.66 -13.47
N MET A 3 -21.46 0.03 -12.33
CA MET A 3 -20.11 -0.42 -12.06
C MET A 3 -19.64 -1.36 -13.16
N ALA A 4 -20.46 -2.33 -13.53
CA ALA A 4 -20.14 -3.22 -14.64
C ALA A 4 -19.89 -2.46 -15.94
N SER A 5 -20.58 -1.33 -16.16
CA SER A 5 -20.47 -0.65 -17.45
C SER A 5 -19.09 -0.03 -17.66
N LYS A 6 -18.58 0.71 -16.66
CA LYS A 6 -17.23 1.26 -16.78
C LYS A 6 -16.18 0.17 -16.90
N ARG A 7 -16.33 -0.92 -16.12
CA ARG A 7 -15.36 -2.00 -16.12
C ARG A 7 -15.24 -2.63 -17.49
N ILE A 8 -16.36 -2.87 -18.15
CA ILE A 8 -16.31 -3.40 -19.51
C ILE A 8 -15.66 -2.40 -20.44
N LEU A 9 -16.08 -1.14 -20.34
CA LEU A 9 -15.49 -0.08 -21.17
C LEU A 9 -13.98 -0.04 -20.98
N LYS A 10 -13.51 -0.04 -19.72
CA LYS A 10 -12.07 -0.04 -19.51
C LYS A 10 -11.42 -1.35 -19.97
N GLU A 11 -12.12 -2.49 -19.83
CA GLU A 11 -11.55 -3.75 -20.29
C GLU A 11 -11.36 -3.76 -21.80
N LEU A 12 -12.32 -3.18 -22.55
CA LEU A 12 -12.21 -3.13 -24.01
C LEU A 12 -11.02 -2.28 -24.44
N LYS A 13 -10.86 -1.11 -23.83
CA LYS A 13 -9.73 -0.25 -24.17
C LYS A 13 -8.40 -0.99 -24.03
N ASP A 14 -8.19 -1.64 -22.87
CA ASP A 14 -6.93 -2.33 -22.60
C ASP A 14 -6.73 -3.52 -23.55
N LEU A 15 -7.83 -4.19 -23.89
CA LEU A 15 -7.78 -5.35 -24.80
C LEU A 15 -7.31 -4.93 -26.19
N GLN A 16 -7.75 -3.76 -26.64
CA GLN A 16 -7.37 -3.25 -27.94
C GLN A 16 -6.00 -2.58 -27.93
N LYS A 17 -5.45 -2.29 -26.74
CA LYS A 17 -4.05 -1.88 -26.65
C LYS A 17 -3.10 -3.06 -26.85
N ASP A 18 -3.22 -4.10 -26.04
CA ASP A 18 -2.41 -5.32 -26.12
C ASP A 18 -3.38 -6.46 -26.42
N PRO A 19 -3.64 -6.77 -27.68
CA PRO A 19 -4.63 -7.80 -27.99
C PRO A 19 -4.07 -9.17 -27.75
N PRO A 20 -4.93 -10.15 -27.47
CA PRO A 20 -4.45 -11.49 -27.13
C PRO A 20 -3.90 -12.21 -28.36
N THR A 21 -3.12 -13.25 -28.10
CA THR A 21 -2.10 -13.67 -29.06
C THR A 21 -2.68 -14.04 -30.42
N SER A 22 -3.74 -14.84 -30.45
CA SER A 22 -4.28 -15.30 -31.72
C SER A 22 -5.74 -14.89 -31.88
N CYS A 23 -6.09 -13.69 -31.44
CA CYS A 23 -7.48 -13.39 -31.10
C CYS A 23 -7.80 -11.94 -31.37
N SER A 24 -9.06 -11.69 -31.64
CA SER A 24 -9.58 -10.35 -31.86
C SER A 24 -10.97 -10.29 -31.23
N ALA A 25 -11.28 -9.17 -30.59
CA ALA A 25 -12.57 -9.02 -29.96
C ALA A 25 -12.99 -7.57 -30.03
N GLY A 26 -14.29 -7.35 -30.00
CA GLY A 26 -14.79 -6.00 -30.02
C GLY A 26 -16.27 -6.00 -29.70
N PRO A 27 -16.81 -4.82 -29.47
CA PRO A 27 -18.26 -4.72 -29.28
C PRO A 27 -18.99 -5.15 -30.55
N VAL A 28 -20.20 -5.70 -30.36
CA VAL A 28 -21.15 -5.90 -31.45
C VAL A 28 -21.82 -4.56 -31.72
N GLY A 29 -21.30 -3.82 -32.70
CA GLY A 29 -21.83 -2.51 -33.01
C GLY A 29 -21.65 -1.53 -31.88
N GLU A 30 -22.74 -1.19 -31.20
CA GLU A 30 -22.68 -0.21 -30.13
C GLU A 30 -23.17 -0.73 -28.79
N ASP A 31 -23.69 -1.97 -28.72
CA ASP A 31 -24.03 -2.61 -27.45
C ASP A 31 -22.74 -3.20 -26.90
N MET A 32 -22.01 -2.39 -26.14
CA MET A 32 -20.73 -2.83 -25.61
C MET A 32 -20.88 -3.75 -24.43
N PHE A 33 -22.12 -4.14 -24.11
CA PHE A 33 -22.38 -5.28 -23.24
C PHE A 33 -22.39 -6.59 -24.01
N HIS A 34 -22.20 -6.53 -25.33
CA HIS A 34 -22.27 -7.67 -26.24
C HIS A 34 -21.01 -7.62 -27.12
N TRP A 35 -20.19 -8.68 -27.08
CA TRP A 35 -18.90 -8.68 -27.78
C TRP A 35 -18.76 -9.88 -28.69
N GLN A 36 -18.14 -9.67 -29.85
CA GLN A 36 -17.72 -10.78 -30.68
C GLN A 36 -16.20 -10.90 -30.69
N ALA A 37 -15.72 -12.12 -30.52
CA ALA A 37 -14.31 -12.47 -30.58
C ALA A 37 -14.08 -13.51 -31.68
N THR A 38 -12.93 -13.45 -32.32
CA THR A 38 -12.57 -14.39 -33.37
C THR A 38 -11.28 -15.02 -32.96
N ILE A 39 -11.24 -16.34 -33.01
CA ILE A 39 -10.08 -17.10 -32.56
C ILE A 39 -9.57 -17.91 -33.73
N MET A 40 -8.27 -17.88 -33.92
CA MET A 40 -7.62 -18.68 -34.92
C MET A 40 -7.21 -19.99 -34.30
N GLY A 41 -7.40 -21.06 -35.06
CA GLY A 41 -7.04 -22.37 -34.59
C GLY A 41 -5.57 -22.45 -34.30
N PRO A 42 -5.23 -22.88 -33.10
CA PRO A 42 -3.82 -23.12 -32.77
C PRO A 42 -3.16 -24.01 -33.81
N ALA A 43 -1.87 -23.81 -34.01
CA ALA A 43 -1.17 -24.61 -35.01
C ALA A 43 -0.87 -26.04 -34.55
N ASP A 44 -0.62 -26.26 -33.25
CA ASP A 44 -0.36 -27.60 -32.73
C ASP A 44 -1.59 -28.49 -32.85
N SER A 45 -2.68 -27.92 -33.35
CA SER A 45 -4.04 -28.41 -33.22
C SER A 45 -4.58 -28.95 -34.53
N PRO A 46 -5.53 -29.82 -34.45
CA PRO A 46 -6.31 -30.16 -35.64
C PRO A 46 -7.22 -29.01 -36.05
N TYR A 47 -7.03 -27.83 -35.46
CA TYR A 47 -7.87 -26.69 -35.74
C TYR A 47 -7.15 -25.59 -36.53
N ALA A 48 -5.86 -25.78 -36.79
CA ALA A 48 -5.08 -24.83 -37.57
C ALA A 48 -5.78 -24.48 -38.88
N GLY A 49 -5.64 -23.21 -39.29
CA GLY A 49 -6.28 -22.73 -40.49
C GLY A 49 -7.76 -22.49 -40.36
N GLY A 50 -8.30 -22.67 -39.16
CA GLY A 50 -9.70 -22.40 -38.89
C GLY A 50 -9.91 -21.08 -38.18
N VAL A 51 -10.98 -20.40 -38.57
CA VAL A 51 -11.44 -19.18 -37.92
C VAL A 51 -12.71 -19.53 -37.13
N PHE A 52 -12.65 -19.32 -35.82
CA PHE A 52 -13.76 -19.64 -34.94
C PHE A 52 -14.30 -18.38 -34.31
N LEU A 53 -15.60 -18.16 -34.48
CA LEU A 53 -16.28 -16.99 -33.94
C LEU A 53 -16.88 -17.34 -32.59
N VAL A 54 -16.79 -16.41 -31.62
CA VAL A 54 -17.21 -16.65 -30.24
C VAL A 54 -18.04 -15.47 -29.75
N SER A 55 -19.10 -15.77 -28.98
CA SER A 55 -20.02 -14.75 -28.51
C SER A 55 -19.81 -14.45 -27.02
N ILE A 56 -19.94 -13.17 -26.63
CA ILE A 56 -19.58 -12.70 -25.29
C ILE A 56 -20.66 -11.75 -24.78
N HIS A 57 -21.41 -12.19 -23.75
CA HIS A 57 -22.42 -11.37 -23.11
C HIS A 57 -22.05 -11.19 -21.63
N PHE A 58 -22.31 -10.00 -21.10
CA PHE A 58 -21.83 -9.70 -19.76
C PHE A 58 -22.94 -9.73 -18.73
N PRO A 59 -22.81 -10.53 -17.67
CA PRO A 59 -23.83 -10.62 -16.64
C PRO A 59 -24.08 -9.28 -15.97
N PRO A 60 -25.13 -9.18 -15.15
CA PRO A 60 -25.41 -7.89 -14.50
C PRO A 60 -24.35 -7.52 -13.47
N ASP A 61 -23.96 -8.47 -12.61
CA ASP A 61 -22.96 -8.21 -11.59
C ASP A 61 -21.53 -8.49 -12.07
N TYR A 62 -21.28 -8.42 -13.36
CA TYR A 62 -19.92 -8.52 -13.84
C TYR A 62 -19.12 -7.33 -13.32
N PRO A 63 -17.86 -7.52 -12.88
CA PRO A 63 -16.98 -8.68 -12.99
C PRO A 63 -17.07 -9.68 -11.85
N PHE A 64 -18.13 -9.61 -11.07
CA PHE A 64 -18.24 -10.56 -9.97
C PHE A 64 -18.93 -11.85 -10.39
N LYS A 65 -19.88 -11.78 -11.33
CA LYS A 65 -20.30 -12.98 -12.03
C LYS A 65 -19.52 -13.15 -13.32
N PRO A 66 -19.12 -14.39 -13.68
CA PRO A 66 -18.35 -14.63 -14.93
C PRO A 66 -19.14 -14.29 -16.19
N PRO A 67 -18.48 -13.99 -17.29
CA PRO A 67 -19.19 -13.71 -18.54
C PRO A 67 -19.68 -14.98 -19.22
N LYS A 68 -20.63 -14.77 -20.15
CA LYS A 68 -21.29 -15.81 -20.93
C LYS A 68 -20.58 -15.94 -22.28
N VAL A 69 -19.90 -17.07 -22.49
CA VAL A 69 -18.98 -17.27 -23.60
C VAL A 69 -19.42 -18.50 -24.39
N ALA A 70 -19.67 -18.31 -25.69
CA ALA A 70 -20.28 -19.34 -26.53
C ALA A 70 -19.64 -19.32 -27.90
N PHE A 71 -19.33 -20.50 -28.43
CA PHE A 71 -18.92 -20.59 -29.83
C PHE A 71 -20.09 -20.29 -30.76
N LYS A 72 -19.78 -19.66 -31.90
CA LYS A 72 -20.73 -19.58 -32.98
C LYS A 72 -20.38 -20.50 -34.14
N THR A 73 -19.11 -20.85 -34.27
CA THR A 73 -18.62 -21.77 -35.29
C THR A 73 -18.67 -23.19 -34.74
N LYS A 74 -18.99 -24.17 -35.60
CA LYS A 74 -19.09 -25.56 -35.12
C LYS A 74 -17.68 -26.13 -34.94
N VAL A 75 -17.48 -26.89 -33.88
CA VAL A 75 -16.16 -27.54 -33.60
C VAL A 75 -16.42 -28.96 -33.08
N PHE A 76 -15.67 -29.91 -33.62
CA PHE A 76 -15.55 -31.27 -33.03
C PHE A 76 -14.59 -31.19 -31.85
N HIS A 77 -15.13 -31.06 -30.64
CA HIS A 77 -14.24 -30.96 -29.48
C HIS A 77 -14.90 -31.63 -28.29
N PRO A 78 -14.13 -32.30 -27.43
CA PRO A 78 -14.75 -32.90 -26.25
C PRO A 78 -15.39 -31.89 -25.31
N ASN A 79 -15.03 -30.61 -25.32
CA ASN A 79 -15.53 -29.69 -24.30
C ASN A 79 -16.37 -28.56 -24.86
N ILE A 80 -16.75 -28.64 -26.14
CA ILE A 80 -17.64 -27.66 -26.78
C ILE A 80 -18.77 -28.41 -27.47
N ASN A 81 -20.00 -28.15 -27.04
CA ASN A 81 -21.14 -28.88 -27.59
C ASN A 81 -21.69 -28.15 -28.81
N SER A 82 -22.79 -28.69 -29.34
CA SER A 82 -23.40 -28.15 -30.55
C SER A 82 -24.00 -26.75 -30.32
N ASN A 83 -24.47 -26.46 -29.10
CA ASN A 83 -25.00 -25.14 -28.75
C ASN A 83 -23.91 -24.10 -28.49
N GLY A 84 -22.64 -24.48 -28.65
CA GLY A 84 -21.48 -23.63 -28.46
C GLY A 84 -21.07 -23.38 -27.02
N SER A 85 -21.61 -24.15 -26.08
CA SER A 85 -21.24 -24.02 -24.68
C SER A 85 -19.84 -24.59 -24.45
N ILE A 86 -19.10 -23.96 -23.54
CA ILE A 86 -17.71 -24.30 -23.28
C ILE A 86 -17.56 -24.79 -21.85
N CYS A 87 -16.98 -25.96 -21.68
CA CYS A 87 -16.60 -26.45 -20.36
C CYS A 87 -15.21 -25.92 -20.04
N LEU A 88 -15.16 -24.83 -19.29
CA LEU A 88 -13.92 -24.21 -18.85
C LEU A 88 -14.08 -23.76 -17.41
N ASP A 89 -13.11 -24.11 -16.55
CA ASP A 89 -13.26 -23.80 -15.13
C ASP A 89 -13.29 -22.29 -14.87
N ILE A 90 -12.47 -21.51 -15.58
CA ILE A 90 -12.58 -20.06 -15.52
C ILE A 90 -14.02 -19.60 -15.67
N LEU A 91 -14.78 -20.28 -16.52
CA LEU A 91 -16.12 -19.81 -16.87
C LEU A 91 -17.18 -20.21 -15.87
N LYS A 92 -16.89 -21.15 -14.97
CA LYS A 92 -17.88 -21.59 -13.99
C LYS A 92 -17.44 -21.31 -12.56
N GLU A 93 -16.36 -21.91 -12.11
CA GLU A 93 -16.09 -21.98 -10.69
C GLU A 93 -14.79 -21.30 -10.29
N GLN A 94 -13.76 -21.38 -11.13
CA GLN A 94 -12.52 -20.66 -10.89
C GLN A 94 -12.54 -19.27 -11.49
N TRP A 95 -13.73 -18.74 -11.76
CA TRP A 95 -13.81 -17.30 -12.13
C TRP A 95 -13.28 -16.45 -10.98
N SER A 96 -12.74 -15.27 -11.31
CA SER A 96 -12.32 -14.24 -10.33
C SER A 96 -12.76 -12.87 -10.82
N PRO A 97 -13.04 -11.92 -9.93
CA PRO A 97 -13.37 -10.57 -10.33
C PRO A 97 -12.23 -9.89 -11.10
N ALA A 98 -11.06 -10.55 -11.15
CA ALA A 98 -9.84 -9.90 -11.65
C ALA A 98 -9.46 -10.47 -13.02
N LEU A 99 -10.07 -11.59 -13.42
CA LEU A 99 -9.80 -12.10 -14.75
C LEU A 99 -10.54 -11.27 -15.77
N THR A 100 -10.23 -11.55 -17.03
CA THR A 100 -10.63 -10.69 -18.14
C THR A 100 -11.10 -11.55 -19.31
N VAL A 101 -11.79 -10.91 -20.26
CA VAL A 101 -12.09 -11.59 -21.52
C VAL A 101 -10.80 -12.10 -22.14
N SER A 102 -9.75 -11.29 -22.17
CA SER A 102 -8.47 -11.75 -22.77
C SER A 102 -8.05 -13.11 -22.20
N LYS A 103 -8.05 -13.21 -20.89
CA LYS A 103 -7.60 -14.45 -20.19
C LYS A 103 -8.46 -15.62 -20.66
N VAL A 104 -9.78 -15.39 -20.74
CA VAL A 104 -10.73 -16.46 -21.11
C VAL A 104 -10.41 -16.93 -22.53
N LEU A 105 -10.17 -16.00 -23.46
CA LEU A 105 -9.83 -16.35 -24.85
C LEU A 105 -8.54 -17.17 -24.89
N LEU A 106 -7.53 -16.74 -24.11
CA LEU A 106 -6.26 -17.50 -24.11
C LEU A 106 -6.51 -18.92 -23.58
N SER A 107 -7.34 -19.06 -22.56
CA SER A 107 -7.64 -20.37 -21.95
C SER A 107 -8.41 -21.25 -22.94
N ILE A 108 -9.28 -20.64 -23.75
CA ILE A 108 -10.03 -21.37 -24.81
C ILE A 108 -9.04 -21.88 -25.85
N CYS A 109 -8.07 -21.04 -26.24
CA CYS A 109 -7.05 -21.52 -27.21
C CYS A 109 -6.30 -22.70 -26.60
N SER A 110 -6.00 -22.59 -25.30
CA SER A 110 -5.28 -23.67 -24.60
C SER A 110 -6.09 -24.97 -24.64
N LEU A 111 -7.39 -24.88 -24.41
CA LEU A 111 -8.31 -26.05 -24.49
C LEU A 111 -8.25 -26.63 -25.90
N LEU A 112 -8.41 -25.78 -26.90
CA LEU A 112 -8.39 -26.26 -28.31
C LEU A 112 -7.09 -27.03 -28.56
N THR A 113 -5.97 -26.56 -28.01
CA THR A 113 -4.70 -27.30 -28.23
C THR A 113 -4.70 -28.63 -27.45
N ASP A 114 -5.09 -28.58 -26.18
CA ASP A 114 -5.04 -29.71 -25.25
C ASP A 114 -6.42 -29.87 -24.62
N PRO A 115 -7.30 -30.63 -25.27
CA PRO A 115 -8.63 -30.85 -24.73
C PRO A 115 -8.54 -31.59 -23.41
N ASN A 116 -9.60 -31.43 -22.63
CA ASN A 116 -9.68 -32.05 -21.31
C ASN A 116 -10.76 -33.11 -21.35
N PRO A 117 -10.44 -34.34 -21.80
CA PRO A 117 -11.50 -35.33 -22.05
C PRO A 117 -12.18 -35.83 -20.79
N ASP A 118 -11.55 -35.69 -19.61
CA ASP A 118 -12.08 -36.26 -18.39
C ASP A 118 -13.23 -35.46 -17.80
N ASP A 119 -13.44 -34.24 -18.27
CA ASP A 119 -14.59 -33.44 -17.89
C ASP A 119 -15.44 -33.20 -19.14
N PRO A 120 -16.00 -34.26 -19.72
CA PRO A 120 -16.61 -34.11 -21.05
C PRO A 120 -17.91 -33.34 -20.98
N LEU A 121 -18.15 -32.60 -22.04
CA LEU A 121 -19.45 -32.06 -22.39
C LEU A 121 -20.05 -32.81 -23.55
N VAL A 122 -19.23 -33.46 -24.37
CA VAL A 122 -19.70 -34.31 -25.46
C VAL A 122 -19.04 -35.67 -25.31
N PRO A 123 -19.68 -36.60 -24.59
CA PRO A 123 -19.00 -37.84 -24.19
C PRO A 123 -18.51 -38.72 -25.32
N GLU A 124 -19.24 -38.79 -26.44
CA GLU A 124 -18.77 -39.53 -27.61
C GLU A 124 -17.45 -38.97 -28.12
N ILE A 125 -17.38 -37.64 -28.24
CA ILE A 125 -16.12 -37.01 -28.67
C ILE A 125 -15.04 -37.26 -27.63
N ALA A 126 -15.39 -37.19 -26.34
CA ALA A 126 -14.41 -37.49 -25.30
C ALA A 126 -13.91 -38.91 -25.44
N HIS A 127 -14.84 -39.84 -25.65
CA HIS A 127 -14.47 -41.23 -25.81
C HIS A 127 -13.54 -41.42 -27.00
N MET A 128 -13.86 -40.78 -28.13
CA MET A 128 -13.01 -40.92 -29.31
C MET A 128 -11.60 -40.42 -29.05
N TYR A 129 -11.46 -39.30 -28.31
CA TYR A 129 -10.16 -38.74 -28.00
C TYR A 129 -9.30 -39.73 -27.21
N LYS A 130 -9.89 -40.38 -26.21
CA LYS A 130 -9.17 -41.35 -25.40
C LYS A 130 -8.78 -42.62 -26.19
N THR A 131 -9.75 -43.23 -26.89
CA THR A 131 -9.59 -44.57 -27.47
C THR A 131 -9.14 -44.60 -28.94
N ASP A 132 -9.52 -43.60 -29.74
CA ASP A 132 -9.05 -43.50 -31.13
C ASP A 132 -8.67 -42.04 -31.40
N ARG A 133 -7.45 -41.67 -31.00
CA ARG A 133 -7.04 -40.26 -31.12
C ARG A 133 -6.92 -39.85 -32.58
N ALA A 134 -6.44 -40.76 -33.43
CA ALA A 134 -6.24 -40.45 -34.85
C ALA A 134 -7.56 -40.16 -35.53
N LYS A 135 -8.60 -40.90 -35.17
CA LYS A 135 -9.93 -40.58 -35.68
C LYS A 135 -10.38 -39.20 -35.17
N TYR A 136 -10.13 -38.90 -33.89
CA TYR A 136 -10.47 -37.58 -33.37
C TYR A 136 -9.75 -36.50 -34.18
N GLU A 137 -8.45 -36.64 -34.35
CA GLU A 137 -7.68 -35.61 -35.06
C GLU A 137 -8.20 -35.44 -36.49
N SER A 138 -8.49 -36.55 -37.16
CA SER A 138 -8.98 -36.51 -38.53
C SER A 138 -10.37 -35.86 -38.60
N THR A 139 -11.29 -36.29 -37.74
CA THR A 139 -12.64 -35.74 -37.81
C THR A 139 -12.65 -34.25 -37.52
N ALA A 140 -11.71 -33.79 -36.69
CA ALA A 140 -11.59 -32.37 -36.38
C ALA A 140 -11.07 -31.55 -37.55
N ARG A 141 -10.06 -32.06 -38.26
CA ARG A 141 -9.62 -31.42 -39.49
C ARG A 141 -10.79 -31.20 -40.44
N GLY A 142 -11.62 -32.23 -40.60
CA GLY A 142 -12.74 -32.14 -41.53
C GLY A 142 -13.84 -31.20 -41.09
N TRP A 143 -14.14 -31.16 -39.79
CA TRP A 143 -15.09 -30.16 -39.30
C TRP A 143 -14.51 -28.76 -39.43
N THR A 144 -13.21 -28.62 -39.13
CA THR A 144 -12.57 -27.31 -39.27
C THR A 144 -12.67 -26.83 -40.71
N GLN A 145 -12.44 -27.74 -41.67
CA GLN A 145 -12.48 -27.40 -43.09
C GLN A 145 -13.88 -26.98 -43.52
N LYS A 146 -14.91 -27.68 -43.03
CA LYS A 146 -16.27 -27.34 -43.43
C LYS A 146 -16.69 -25.97 -42.90
N TYR A 147 -16.69 -25.79 -41.57
CA TYR A 147 -17.38 -24.66 -40.94
C TYR A 147 -16.48 -23.48 -40.57
N ALA A 148 -15.17 -23.65 -40.55
CA ALA A 148 -14.27 -22.59 -40.14
C ALA A 148 -13.52 -21.96 -41.30
N MET A 149 -12.92 -22.78 -42.17
CA MET A 149 -12.05 -22.27 -43.23
C MET A 149 -12.83 -21.56 -44.34
N GLY A 150 -14.13 -21.83 -44.49
CA GLY A 150 -14.94 -21.11 -45.46
C GLY A 150 -15.92 -20.08 -44.89
N ILE B 4 -1.23 8.72 -18.64
CA ILE B 4 -1.54 7.30 -18.41
C ILE B 4 -1.37 6.93 -16.94
N ILE B 5 -2.43 6.40 -16.34
CA ILE B 5 -2.38 6.01 -14.92
C ILE B 5 -1.35 4.89 -14.72
N PRO B 6 -0.43 5.02 -13.77
CA PRO B 6 0.43 3.87 -13.41
C PRO B 6 -0.42 2.69 -12.99
N ASP B 7 0.01 1.49 -13.39
CA ASP B 7 -0.86 0.34 -13.22
C ASP B 7 -1.01 -0.03 -11.75
N GLU B 8 0.01 0.26 -10.94
CA GLU B 8 -0.09 0.03 -9.49
C GLU B 8 -1.24 0.82 -8.84
N PHE B 9 -1.57 2.00 -9.35
CA PHE B 9 -2.60 2.85 -8.79
C PHE B 9 -4.00 2.42 -9.19
N ARG B 10 -4.15 1.35 -10.01
CA ARG B 10 -5.45 0.86 -10.43
C ARG B 10 -5.84 -0.42 -9.71
N CYS B 11 -7.15 -0.62 -9.56
CA CYS B 11 -7.66 -1.79 -8.87
C CYS B 11 -7.76 -2.97 -9.84
N PRO B 12 -7.24 -4.16 -9.45
CA PRO B 12 -7.40 -5.33 -10.34
C PRO B 12 -8.84 -5.66 -10.64
N ILE B 13 -9.77 -5.32 -9.76
CA ILE B 13 -11.16 -5.62 -10.03
C ILE B 13 -11.83 -4.48 -10.76
N SER B 14 -11.79 -3.26 -10.21
CA SER B 14 -12.49 -2.16 -10.87
C SER B 14 -11.76 -1.66 -12.13
N LEU B 15 -10.43 -1.79 -12.17
CA LEU B 15 -9.55 -1.27 -13.21
C LEU B 15 -9.53 0.27 -13.27
N GLU B 16 -10.09 0.95 -12.27
CA GLU B 16 -9.92 2.39 -12.19
C GLU B 16 -8.92 2.75 -11.09
N LEU B 17 -8.55 4.02 -11.06
CA LEU B 17 -7.71 4.55 -10.00
C LEU B 17 -8.39 4.31 -8.66
N MET B 18 -7.64 3.80 -7.69
CA MET B 18 -8.22 3.43 -6.39
C MET B 18 -8.43 4.65 -5.50
N GLN B 19 -9.58 4.70 -4.82
CA GLN B 19 -9.89 5.74 -3.83
C GLN B 19 -9.53 5.33 -2.40
N ASP B 20 -9.89 4.12 -1.97
CA ASP B 20 -9.52 3.60 -0.65
C ASP B 20 -8.79 2.28 -0.91
N PRO B 21 -7.50 2.34 -1.24
CA PRO B 21 -6.71 1.10 -1.40
C PRO B 21 -6.51 0.40 -0.07
N VAL B 22 -6.87 -0.87 -0.03
CA VAL B 22 -6.72 -1.72 1.15
C VAL B 22 -5.98 -2.97 0.70
N ILE B 23 -5.36 -3.66 1.66
CA ILE B 23 -4.51 -4.81 1.35
C ILE B 23 -5.12 -6.07 1.98
N VAL B 24 -5.07 -7.18 1.26
CA VAL B 24 -5.55 -8.46 1.77
C VAL B 24 -4.36 -9.27 2.26
N SER B 25 -4.64 -10.38 2.96
CA SER B 25 -3.54 -11.09 3.64
C SER B 25 -2.52 -11.61 2.64
N SER B 26 -2.94 -11.90 1.41
CA SER B 26 -2.01 -12.29 0.36
C SER B 26 -0.93 -11.24 0.12
N GLY B 27 -1.19 -9.99 0.47
CA GLY B 27 -0.29 -8.89 0.15
C GLY B 27 -0.67 -8.11 -1.09
N GLN B 28 -1.83 -8.36 -1.68
CA GLN B 28 -2.27 -7.67 -2.88
C GLN B 28 -3.22 -6.52 -2.50
N THR B 29 -3.21 -5.45 -3.30
CA THR B 29 -4.00 -4.26 -2.98
C THR B 29 -5.20 -4.14 -3.92
N TYR B 30 -6.34 -3.70 -3.37
CA TYR B 30 -7.61 -3.54 -4.08
C TYR B 30 -8.37 -2.32 -3.56
N GLU B 31 -9.27 -1.82 -4.42
CA GLU B 31 -10.28 -0.85 -4.02
C GLU B 31 -11.18 -1.47 -2.95
N ARG B 32 -11.43 -0.76 -1.84
CA ARG B 32 -12.08 -1.38 -0.69
C ARG B 32 -13.45 -1.94 -1.05
N SER B 33 -14.25 -1.18 -1.79
CA SER B 33 -15.62 -1.62 -2.02
C SER B 33 -15.69 -2.92 -2.83
N CYS B 34 -14.86 -3.04 -3.87
CA CYS B 34 -14.84 -4.25 -4.71
C CYS B 34 -14.38 -5.48 -3.93
N ILE B 35 -13.23 -5.39 -3.28
CA ILE B 35 -12.70 -6.57 -2.62
C ILE B 35 -13.65 -6.98 -1.52
N GLN B 36 -14.28 -6.00 -0.86
CA GLN B 36 -15.27 -6.31 0.16
C GLN B 36 -16.42 -7.12 -0.43
N LYS B 37 -16.97 -6.61 -1.53
CA LYS B 37 -18.10 -7.25 -2.21
C LYS B 37 -17.81 -8.72 -2.47
N TRP B 38 -16.62 -9.03 -2.99
CA TRP B 38 -16.23 -10.40 -3.29
C TRP B 38 -16.16 -11.26 -2.02
N LEU B 39 -15.52 -10.77 -0.96
CA LEU B 39 -15.53 -11.46 0.32
C LEU B 39 -16.96 -11.66 0.85
N ASP B 40 -17.80 -10.62 0.75
CA ASP B 40 -19.20 -10.74 1.16
C ASP B 40 -19.89 -11.87 0.41
N SER B 41 -19.66 -11.97 -0.92
CA SER B 41 -20.16 -13.07 -1.76
C SER B 41 -19.80 -14.42 -1.17
N GLY B 42 -18.84 -14.46 -0.24
CA GLY B 42 -18.48 -15.68 0.44
C GLY B 42 -17.17 -16.29 0.02
N HIS B 43 -16.50 -15.70 -0.97
CA HIS B 43 -15.22 -16.23 -1.43
C HIS B 43 -14.10 -15.80 -0.50
N LYS B 44 -13.15 -16.68 -0.27
CA LYS B 44 -12.06 -16.43 0.66
C LYS B 44 -10.69 -16.49 -0.02
N THR B 45 -10.65 -16.12 -1.31
CA THR B 45 -9.45 -16.17 -2.11
C THR B 45 -9.06 -14.80 -2.64
N CYS B 46 -7.76 -14.58 -2.76
CA CYS B 46 -7.27 -13.39 -3.43
C CYS B 46 -7.61 -13.45 -4.92
N PRO B 47 -8.37 -12.50 -5.48
CA PRO B 47 -8.79 -12.66 -6.89
C PRO B 47 -7.66 -12.62 -7.89
N LYS B 48 -6.63 -11.83 -7.63
CA LYS B 48 -5.54 -11.65 -8.57
C LYS B 48 -4.57 -12.82 -8.61
N THR B 49 -4.34 -13.50 -7.48
CA THR B 49 -3.43 -14.64 -7.46
C THR B 49 -4.14 -15.97 -7.26
N GLN B 50 -5.45 -15.93 -6.99
CA GLN B 50 -6.35 -17.07 -6.87
C GLN B 50 -5.96 -18.03 -5.77
N GLN B 51 -5.15 -17.57 -4.82
CA GLN B 51 -4.80 -18.45 -3.73
C GLN B 51 -5.67 -18.14 -2.50
N PRO B 52 -5.83 -19.11 -1.61
CA PRO B 52 -6.58 -18.88 -0.36
C PRO B 52 -5.94 -17.83 0.54
N LEU B 53 -6.80 -17.09 1.24
CA LEU B 53 -6.40 -16.03 2.17
C LEU B 53 -6.39 -16.57 3.60
N SER B 54 -5.31 -16.30 4.34
CA SER B 54 -5.26 -16.77 5.73
C SER B 54 -6.34 -16.13 6.57
N HIS B 55 -6.57 -14.82 6.42
CA HIS B 55 -7.59 -14.09 7.16
C HIS B 55 -8.25 -13.10 6.21
N THR B 56 -9.50 -12.76 6.53
CA THR B 56 -10.39 -12.04 5.58
C THR B 56 -10.44 -10.56 5.93
N SER B 57 -9.32 -10.01 6.42
CA SER B 57 -9.29 -8.66 7.02
C SER B 57 -8.73 -7.65 6.02
N LEU B 58 -9.31 -6.46 5.99
CA LEU B 58 -8.90 -5.41 5.02
C LEU B 58 -8.13 -4.32 5.78
N THR B 59 -6.82 -4.23 5.55
CA THR B 59 -5.97 -3.19 6.17
C THR B 59 -5.75 -2.07 5.16
N PRO B 60 -6.03 -0.78 5.46
CA PRO B 60 -5.84 0.29 4.48
C PRO B 60 -4.39 0.33 4.02
N ASN B 61 -4.16 0.72 2.77
CA ASN B 61 -2.79 0.90 2.23
C ASN B 61 -2.49 2.39 2.08
N PHE B 62 -2.16 3.02 3.19
CA PHE B 62 -2.14 4.50 3.32
C PHE B 62 -0.97 5.06 2.50
N VAL B 63 0.10 4.28 2.35
CA VAL B 63 1.29 4.76 1.59
C VAL B 63 0.88 4.91 0.12
N LEU B 64 0.21 3.90 -0.43
CA LEU B 64 -0.28 3.98 -1.83
C LEU B 64 -1.33 5.07 -1.92
N LYS B 65 -2.14 5.23 -0.87
CA LYS B 65 -3.14 6.33 -0.92
C LYS B 65 -2.39 7.64 -1.13
N SER B 66 -1.36 7.89 -0.34
CA SER B 66 -0.55 9.13 -0.42
C SER B 66 0.06 9.25 -1.82
N LEU B 67 0.63 8.17 -2.34
CA LEU B 67 1.35 8.25 -3.63
C LEU B 67 0.35 8.55 -4.75
N ILE B 68 -0.89 8.10 -4.61
CA ILE B 68 -1.97 8.42 -5.58
C ILE B 68 -2.34 9.89 -5.42
N SER B 69 -2.67 10.32 -4.20
CA SER B 69 -3.06 11.71 -4.03
C SER B 69 -2.00 12.65 -4.57
N GLN B 70 -0.73 12.29 -4.44
CA GLN B 70 0.32 13.16 -4.94
C GLN B 70 0.33 13.15 -6.46
N TRP B 71 0.30 11.97 -7.08
CA TRP B 71 0.32 11.88 -8.53
C TRP B 71 -0.84 12.68 -9.13
N CYS B 72 -2.02 12.60 -8.51
CA CYS B 72 -3.15 13.37 -8.98
C CYS B 72 -2.86 14.86 -8.92
N GLU B 73 -2.40 15.37 -7.77
CA GLU B 73 -2.03 16.78 -7.69
C GLU B 73 -0.94 17.14 -8.67
N ALA B 74 0.03 16.25 -8.88
CA ALA B 74 1.06 16.50 -9.87
C ALA B 74 0.46 16.64 -11.26
N ASN B 75 -0.43 15.72 -11.64
CA ASN B 75 -0.94 15.66 -13.00
C ASN B 75 -2.30 16.34 -13.18
N GLY B 76 -2.63 17.29 -12.30
CA GLY B 76 -3.88 18.01 -12.40
C GLY B 76 -5.14 17.15 -12.56
N ILE B 77 -5.17 15.96 -11.93
CA ILE B 77 -6.34 15.07 -11.96
C ILE B 77 -7.13 15.24 -10.68
N GLU B 78 -8.44 15.04 -10.75
CA GLU B 78 -9.26 15.06 -9.55
C GLU B 78 -8.83 13.93 -8.63
N LEU B 79 -8.76 14.22 -7.34
CA LEU B 79 -8.45 13.17 -6.39
C LEU B 79 -9.49 12.05 -6.56
N PRO B 80 -9.09 10.79 -6.42
CA PRO B 80 -10.01 9.69 -6.78
C PRO B 80 -11.30 9.72 -5.92
N ALA C 2 25.44 0.92 15.96
CA ALA C 2 25.85 1.02 14.55
C ALA C 2 24.66 1.38 13.66
N MET C 3 23.54 0.65 13.83
CA MET C 3 22.29 1.12 13.26
C MET C 3 21.89 2.45 13.89
N ALA C 4 22.07 2.59 15.20
CA ALA C 4 21.77 3.85 15.87
C ALA C 4 22.55 5.01 15.24
N SER C 5 23.83 4.81 14.93
CA SER C 5 24.60 5.90 14.33
C SER C 5 24.05 6.28 12.95
N LYS C 6 23.74 5.29 12.13
CA LYS C 6 23.18 5.57 10.81
C LYS C 6 21.89 6.37 10.94
N ARG C 7 21.01 5.95 11.85
CA ARG C 7 19.71 6.59 11.98
C ARG C 7 19.85 8.03 12.49
N ILE C 8 20.90 8.30 13.29
CA ILE C 8 21.16 9.65 13.81
C ILE C 8 21.68 10.56 12.71
N LEU C 9 22.72 10.12 11.99
CA LEU C 9 23.24 10.93 10.89
C LEU C 9 22.16 11.25 9.88
N LYS C 10 21.27 10.29 9.60
CA LYS C 10 20.26 10.59 8.60
C LYS C 10 19.14 11.46 9.16
N GLU C 11 18.85 11.32 10.46
CA GLU C 11 17.93 12.25 11.10
C GLU C 11 18.52 13.66 11.13
N LEU C 12 19.83 13.76 11.30
CA LEU C 12 20.48 15.07 11.29
C LEU C 12 20.30 15.76 9.94
N LYS C 13 20.48 15.02 8.84
CA LYS C 13 20.32 15.61 7.51
C LYS C 13 18.89 16.10 7.28
N ASP C 14 17.91 15.32 7.74
CA ASP C 14 16.52 15.74 7.64
C ASP C 14 16.27 17.05 8.35
N LEU C 15 16.77 17.20 9.59
CA LEU C 15 16.57 18.45 10.33
C LEU C 15 17.13 19.64 9.57
N GLN C 16 18.31 19.49 8.99
CA GLN C 16 18.93 20.54 8.19
C GLN C 16 18.09 20.92 6.97
N LYS C 17 17.35 19.98 6.39
CA LYS C 17 16.54 20.34 5.22
C LYS C 17 15.29 21.13 5.62
N ASP C 18 14.53 20.61 6.59
CA ASP C 18 13.33 21.27 7.12
C ASP C 18 13.47 21.35 8.64
N PRO C 19 14.17 22.35 9.16
CA PRO C 19 14.39 22.46 10.63
C PRO C 19 13.11 22.76 11.38
N PRO C 20 13.05 22.44 12.67
CA PRO C 20 11.79 22.62 13.42
C PRO C 20 11.55 24.11 13.66
N THR C 21 10.35 24.43 14.12
CA THR C 21 9.81 25.77 13.92
C THR C 21 10.59 26.85 14.68
N SER C 22 10.67 26.77 16.01
CA SER C 22 11.28 27.91 16.74
C SER C 22 12.66 27.53 17.27
N CYS C 23 13.29 26.55 16.64
CA CYS C 23 14.34 25.76 17.32
C CYS C 23 15.53 25.54 16.37
N SER C 24 16.73 25.52 16.92
CA SER C 24 17.95 25.12 16.18
C SER C 24 18.71 24.06 16.97
N ALA C 25 19.17 23.03 16.29
CA ALA C 25 19.79 21.86 16.96
C ALA C 25 20.87 21.26 16.05
N GLY C 26 21.81 20.56 16.66
CA GLY C 26 22.97 20.03 15.92
C GLY C 26 23.98 19.39 16.85
N PRO C 27 24.98 18.68 16.32
CA PRO C 27 25.96 17.97 17.13
C PRO C 27 26.96 18.90 17.78
N VAL C 28 27.47 18.41 18.92
CA VAL C 28 28.58 19.00 19.64
C VAL C 28 29.85 18.47 19.00
N GLY C 29 30.49 19.27 18.14
CA GLY C 29 31.75 18.88 17.50
C GLY C 29 31.56 17.70 16.55
N GLU C 30 32.36 16.65 16.73
CA GLU C 30 32.21 15.45 15.93
C GLU C 30 31.66 14.25 16.72
N ASP C 31 31.60 14.32 18.05
CA ASP C 31 30.87 13.32 18.84
C ASP C 31 29.41 13.33 18.41
N MET C 32 28.94 12.27 17.75
CA MET C 32 27.67 12.30 17.03
C MET C 32 26.48 11.86 17.88
N PHE C 33 26.72 11.29 19.06
CA PHE C 33 25.67 10.88 19.97
C PHE C 33 25.33 11.95 20.99
N HIS C 34 25.88 13.17 20.83
CA HIS C 34 25.62 14.30 21.72
C HIS C 34 25.26 15.53 20.90
N TRP C 35 24.11 16.13 21.23
CA TRP C 35 23.63 17.31 20.52
C TRP C 35 23.27 18.40 21.52
N GLN C 36 23.63 19.63 21.18
CA GLN C 36 23.06 20.80 21.85
C GLN C 36 21.99 21.42 20.95
N ALA C 37 20.98 22.02 21.58
CA ALA C 37 19.88 22.60 20.83
C ALA C 37 19.36 23.86 21.53
N THR C 38 18.88 24.80 20.71
CA THR C 38 18.45 26.13 21.14
C THR C 38 16.97 26.27 20.86
N ILE C 39 16.19 26.72 21.85
CA ILE C 39 14.77 26.98 21.67
C ILE C 39 14.48 28.44 21.96
N MET C 40 13.76 29.09 21.05
CA MET C 40 13.26 30.44 21.28
C MET C 40 11.92 30.40 21.98
N GLY C 41 11.80 31.14 23.06
CA GLY C 41 10.58 31.15 23.84
C GLY C 41 9.42 31.58 22.99
N PRO C 42 8.34 30.81 23.00
CA PRO C 42 7.19 31.11 22.13
C PRO C 42 6.55 32.46 22.45
N ALA C 43 5.92 33.06 21.43
CA ALA C 43 5.42 34.42 21.53
C ALA C 43 4.36 34.58 22.62
N ASP C 44 3.32 33.75 22.61
CA ASP C 44 2.27 33.85 23.63
C ASP C 44 2.79 33.59 25.03
N SER C 45 3.83 32.78 25.16
CA SER C 45 4.26 32.33 26.46
C SER C 45 4.91 33.46 27.25
N PRO C 46 5.01 33.30 28.59
CA PRO C 46 5.88 34.16 29.41
C PRO C 46 7.36 33.88 29.27
N TYR C 47 7.76 33.18 28.21
CA TYR C 47 9.17 32.96 27.89
C TYR C 47 9.58 33.66 26.59
N ALA C 48 8.66 34.45 26.01
CA ALA C 48 8.91 35.18 24.77
C ALA C 48 10.14 36.06 24.88
N GLY C 49 10.90 36.16 23.78
CA GLY C 49 12.19 36.79 23.81
C GLY C 49 13.25 35.98 24.51
N GLY C 50 12.91 34.77 25.00
CA GLY C 50 13.88 33.94 25.70
C GLY C 50 14.68 33.02 24.77
N VAL C 51 15.92 32.75 25.16
CA VAL C 51 16.78 31.78 24.47
C VAL C 51 17.17 30.72 25.48
N PHE C 52 16.70 29.49 25.24
CA PHE C 52 16.93 28.35 26.13
C PHE C 52 17.73 27.25 25.44
N LEU C 53 18.73 26.75 26.14
CA LEU C 53 19.62 25.71 25.66
C LEU C 53 19.23 24.35 26.24
N VAL C 54 19.59 23.29 25.51
CA VAL C 54 19.05 21.96 25.74
C VAL C 54 20.08 20.94 25.27
N SER C 55 20.41 19.99 26.14
CA SER C 55 21.29 18.87 25.79
C SER C 55 20.44 17.69 25.33
N ILE C 56 20.95 16.95 24.35
CA ILE C 56 20.33 15.74 23.83
C ILE C 56 21.37 14.62 23.80
N HIS C 57 21.13 13.56 24.55
CA HIS C 57 22.05 12.44 24.66
C HIS C 57 21.34 11.18 24.15
N PHE C 58 21.91 10.55 23.08
CA PHE C 58 21.27 9.43 22.37
C PHE C 58 21.68 8.08 22.98
N PRO C 59 20.73 7.20 23.28
CA PRO C 59 21.08 5.86 23.79
C PRO C 59 21.85 5.06 22.76
N PRO C 60 22.49 3.97 23.17
CA PRO C 60 23.10 3.06 22.18
C PRO C 60 22.06 2.37 21.29
N ASP C 61 20.86 2.07 21.81
CA ASP C 61 19.82 1.45 21.02
C ASP C 61 18.79 2.48 20.53
N TYR C 62 19.26 3.67 20.17
CA TYR C 62 18.41 4.61 19.47
C TYR C 62 18.13 4.05 18.08
N PRO C 63 16.88 4.16 17.57
CA PRO C 63 15.77 4.91 18.15
C PRO C 63 14.84 4.09 18.99
N PHE C 64 15.22 2.86 19.29
CA PHE C 64 14.27 2.03 20.00
C PHE C 64 14.21 2.37 21.48
N LYS C 65 15.20 3.11 22.00
CA LYS C 65 15.22 3.65 23.35
C LYS C 65 15.20 5.17 23.31
N PRO C 66 14.35 5.84 24.08
CA PRO C 66 14.20 7.29 23.93
C PRO C 66 15.51 8.02 24.23
N PRO C 67 15.73 9.17 23.62
CA PRO C 67 16.92 9.96 23.95
C PRO C 67 16.78 10.66 25.31
N LYS C 68 17.94 11.01 25.85
CA LYS C 68 18.03 11.81 27.08
C LYS C 68 18.10 13.30 26.71
N VAL C 69 17.12 14.08 27.17
CA VAL C 69 17.01 15.49 26.79
C VAL C 69 16.70 16.34 28.01
N ALA C 70 17.50 17.40 28.24
CA ALA C 70 17.36 18.27 29.41
C ALA C 70 17.69 19.73 29.10
N PHE C 71 16.95 20.63 29.76
CA PHE C 71 17.30 22.05 29.77
C PHE C 71 18.63 22.28 30.47
N LYS C 72 19.49 23.11 29.87
CA LYS C 72 20.69 23.64 30.50
C LYS C 72 20.54 25.12 30.86
N THR C 73 19.33 25.67 30.78
CA THR C 73 19.04 27.08 30.99
C THR C 73 17.90 27.13 32.00
N LYS C 74 18.00 28.01 33.00
CA LYS C 74 17.05 27.95 34.12
C LYS C 74 15.71 28.56 33.74
N VAL C 75 14.62 27.85 34.07
CA VAL C 75 13.27 28.19 33.61
C VAL C 75 12.30 28.11 34.79
N PHE C 76 11.21 28.83 34.69
CA PHE C 76 10.18 28.80 35.71
C PHE C 76 9.00 28.06 35.10
N HIS C 77 9.01 26.72 35.19
CA HIS C 77 7.95 25.92 34.55
C HIS C 77 7.48 24.78 35.46
N PRO C 78 6.17 24.52 35.50
CA PRO C 78 5.66 23.47 36.39
C PRO C 78 5.98 22.06 35.95
N ASN C 79 6.62 21.86 34.79
CA ASN C 79 7.01 20.52 34.34
C ASN C 79 8.50 20.44 34.03
N ILE C 80 9.26 21.46 34.43
CA ILE C 80 10.70 21.45 34.31
C ILE C 80 11.25 21.79 35.69
N ASN C 81 12.33 21.10 36.06
CA ASN C 81 12.95 21.22 37.38
C ASN C 81 14.30 21.93 37.24
N SER C 82 14.86 22.31 38.41
CA SER C 82 16.07 23.12 38.49
C SER C 82 17.33 22.38 38.08
N ASN C 83 17.24 21.07 37.86
CA ASN C 83 18.33 20.31 37.27
C ASN C 83 18.12 20.06 35.79
N GLY C 84 17.10 20.69 35.19
CA GLY C 84 16.84 20.59 33.77
C GLY C 84 15.94 19.45 33.32
N SER C 85 15.49 18.58 34.24
CA SER C 85 14.72 17.41 33.87
C SER C 85 13.36 17.81 33.33
N ILE C 86 13.02 17.30 32.16
CA ILE C 86 11.77 17.62 31.51
C ILE C 86 10.82 16.47 31.78
N CYS C 87 9.63 16.80 32.24
CA CYS C 87 8.60 15.80 32.42
C CYS C 87 7.68 15.95 31.22
N LEU C 88 7.90 15.11 30.22
CA LEU C 88 7.02 15.03 29.06
C LEU C 88 6.92 13.57 28.60
N ASP C 89 5.69 13.12 28.31
CA ASP C 89 5.41 11.70 28.15
C ASP C 89 6.22 11.10 26.99
N ILE C 90 6.39 11.86 25.93
CA ILE C 90 7.15 11.41 24.76
C ILE C 90 8.58 11.00 25.13
N LEU C 91 9.15 11.59 26.17
CA LEU C 91 10.52 11.25 26.49
C LEU C 91 10.64 10.00 27.34
N LYS C 92 9.52 9.51 27.90
CA LYS C 92 9.56 8.40 28.84
C LYS C 92 8.75 7.20 28.36
N GLU C 93 7.42 7.31 28.46
CA GLU C 93 6.51 6.15 28.34
C GLU C 93 6.00 6.03 26.90
N GLN C 94 5.73 7.15 26.26
CA GLN C 94 5.04 7.17 24.94
C GLN C 94 6.06 7.43 23.85
N TRP C 95 7.33 7.11 24.11
CA TRP C 95 8.37 7.10 23.05
C TRP C 95 8.04 6.04 22.00
N SER C 96 8.52 6.27 20.78
CA SER C 96 8.23 5.42 19.60
C SER C 96 9.45 5.44 18.68
N PRO C 97 9.76 4.34 17.99
CA PRO C 97 10.94 4.29 17.14
C PRO C 97 10.80 5.23 15.93
N ALA C 98 9.67 5.93 15.82
CA ALA C 98 9.34 6.72 14.62
C ALA C 98 9.30 8.22 14.96
N LEU C 99 9.52 8.54 16.23
CA LEU C 99 9.69 9.92 16.65
C LEU C 99 11.13 10.35 16.42
N THR C 100 11.32 11.66 16.33
CA THR C 100 12.59 12.24 15.95
C THR C 100 12.90 13.36 16.95
N VAL C 101 14.16 13.83 16.94
CA VAL C 101 14.53 14.97 17.78
C VAL C 101 13.65 16.16 17.43
N SER C 102 13.44 16.38 16.13
CA SER C 102 12.55 17.43 15.67
C SER C 102 11.19 17.39 16.37
N LYS C 103 10.53 16.22 16.37
CA LYS C 103 9.23 16.13 17.03
C LYS C 103 9.33 16.38 18.54
N VAL C 104 10.45 16.02 19.16
CA VAL C 104 10.62 16.25 20.59
C VAL C 104 10.73 17.74 20.89
N LEU C 105 11.64 18.42 20.18
CA LEU C 105 11.74 19.88 20.32
C LEU C 105 10.39 20.54 20.14
N LEU C 106 9.62 20.10 19.14
CA LEU C 106 8.33 20.74 18.95
C LEU C 106 7.44 20.56 20.18
N SER C 107 7.48 19.38 20.82
CA SER C 107 6.72 19.13 22.03
C SER C 107 7.18 20.02 23.18
N ILE C 108 8.49 20.17 23.35
CA ILE C 108 9.00 21.08 24.37
C ILE C 108 8.46 22.49 24.15
N CYS C 109 8.26 22.90 22.89
CA CYS C 109 7.67 24.21 22.60
C CYS C 109 6.21 24.25 22.98
N SER C 110 5.46 23.22 22.63
CA SER C 110 4.07 23.16 23.02
C SER C 110 3.95 23.19 24.55
N LEU C 111 4.96 22.66 25.25
CA LEU C 111 4.97 22.61 26.71
C LEU C 111 5.09 24.00 27.33
N LEU C 112 6.14 24.74 26.95
CA LEU C 112 6.32 26.10 27.47
C LEU C 112 5.08 26.94 27.26
N THR C 113 4.37 26.74 26.15
CA THR C 113 3.17 27.53 25.86
C THR C 113 1.96 27.06 26.67
N ASP C 114 1.66 25.76 26.67
CA ASP C 114 0.52 25.19 27.42
C ASP C 114 1.04 24.15 28.40
N PRO C 115 1.41 24.55 29.62
CA PRO C 115 1.99 23.59 30.56
C PRO C 115 0.90 22.70 31.15
N ASN C 116 1.35 21.57 31.71
CA ASN C 116 0.47 20.58 32.33
C ASN C 116 0.54 20.70 33.86
N PRO C 117 -0.36 21.46 34.48
CA PRO C 117 -0.42 21.45 35.94
C PRO C 117 -0.71 20.07 36.49
N ASP C 118 -1.57 19.30 35.80
CA ASP C 118 -2.10 18.05 36.33
C ASP C 118 -1.02 17.06 36.71
N ASP C 119 0.13 17.11 36.03
CA ASP C 119 1.31 16.35 36.43
C ASP C 119 2.46 17.33 36.54
N PRO C 120 2.77 17.82 37.76
CA PRO C 120 3.91 18.70 37.93
C PRO C 120 5.22 17.91 38.08
N LEU C 121 6.35 18.62 38.04
CA LEU C 121 7.64 18.12 38.55
C LEU C 121 8.14 19.13 39.58
N VAL C 122 7.59 20.33 39.53
CA VAL C 122 7.71 21.34 40.62
C VAL C 122 6.31 21.73 41.05
N PRO C 123 5.78 21.13 42.14
CA PRO C 123 4.40 21.41 42.57
C PRO C 123 4.17 22.85 42.98
N GLU C 124 5.21 23.53 43.49
CA GLU C 124 5.11 24.95 43.83
C GLU C 124 4.59 25.75 42.65
N ILE C 125 5.26 25.60 41.50
CA ILE C 125 4.94 26.39 40.31
C ILE C 125 3.57 26.02 39.75
N ALA C 126 3.23 24.73 39.79
CA ALA C 126 1.89 24.31 39.39
C ALA C 126 0.83 24.88 40.32
N HIS C 127 1.13 24.93 41.62
CA HIS C 127 0.22 25.56 42.58
C HIS C 127 0.01 27.02 42.23
N MET C 128 1.10 27.73 41.88
CA MET C 128 0.96 29.12 41.45
C MET C 128 0.19 29.23 40.13
N TYR C 129 0.44 28.32 39.17
CA TYR C 129 -0.24 28.39 37.88
C TYR C 129 -1.74 28.22 38.01
N LYS C 130 -2.20 27.45 39.01
CA LYS C 130 -3.61 27.24 39.26
C LYS C 130 -4.19 28.17 40.30
N THR C 131 -3.36 28.72 41.20
CA THR C 131 -3.86 29.62 42.22
C THR C 131 -3.81 31.08 41.78
N ASP C 132 -2.65 31.53 41.28
CA ASP C 132 -2.45 32.92 40.82
C ASP C 132 -1.64 32.88 39.52
N ARG C 133 -2.34 32.82 38.39
CA ARG C 133 -1.66 32.76 37.11
C ARG C 133 -0.81 34.02 36.90
N ALA C 134 -1.32 35.18 37.30
CA ALA C 134 -0.55 36.42 37.14
C ALA C 134 0.73 36.39 37.96
N LYS C 135 0.72 35.71 39.12
CA LYS C 135 1.98 35.50 39.83
C LYS C 135 2.93 34.68 38.99
N TYR C 136 2.41 33.69 38.26
CA TYR C 136 3.26 32.81 37.46
C TYR C 136 3.84 33.53 36.24
N GLU C 137 2.98 34.07 35.38
CA GLU C 137 3.46 34.77 34.17
C GLU C 137 4.54 35.78 34.51
N SER C 138 4.29 36.56 35.57
CA SER C 138 5.25 37.56 36.02
C SER C 138 6.54 36.91 36.53
N THR C 139 6.44 35.92 37.42
CA THR C 139 7.66 35.26 37.88
C THR C 139 8.41 34.65 36.71
N ALA C 140 7.67 34.14 35.73
CA ALA C 140 8.32 33.53 34.56
C ALA C 140 9.07 34.58 33.77
N ARG C 141 8.40 35.69 33.44
CA ARG C 141 9.04 36.69 32.61
C ARG C 141 10.30 37.23 33.27
N GLY C 142 10.36 37.23 34.60
CA GLY C 142 11.52 37.70 35.33
C GLY C 142 12.68 36.74 35.30
N TRP C 143 12.36 35.46 35.44
CA TRP C 143 13.36 34.41 35.26
C TRP C 143 13.85 34.39 33.81
N THR C 144 12.93 34.62 32.86
CA THR C 144 13.31 34.70 31.45
C THR C 144 14.39 35.78 31.24
N GLN C 145 14.10 37.00 31.71
CA GLN C 145 15.02 38.13 31.55
C GLN C 145 16.28 37.96 32.38
N LYS C 146 16.16 37.35 33.57
CA LYS C 146 17.32 37.11 34.40
C LYS C 146 18.31 36.15 33.74
N TYR C 147 17.83 34.99 33.25
CA TYR C 147 18.69 33.90 32.80
C TYR C 147 18.67 33.61 31.30
N ALA C 148 17.61 34.01 30.58
CA ALA C 148 17.43 33.58 29.20
C ALA C 148 17.57 34.69 28.16
N MET C 149 17.50 35.96 28.55
CA MET C 149 17.59 37.05 27.59
C MET C 149 19.03 37.51 27.54
N GLY C 150 19.60 37.58 26.37
CA GLY C 150 20.99 37.92 26.43
C GLY C 150 21.76 37.22 25.34
N ALA D 2 16.39 11.72 -8.44
CA ALA D 2 17.23 10.56 -8.18
C ALA D 2 17.96 10.69 -6.85
N MET D 3 18.40 11.89 -6.54
CA MET D 3 19.14 12.13 -5.31
C MET D 3 18.22 12.46 -4.14
N ILE D 4 16.96 12.80 -4.40
CA ILE D 4 15.98 13.02 -3.34
C ILE D 4 15.04 11.82 -3.32
N ILE D 5 15.25 10.91 -2.36
CA ILE D 5 14.37 9.76 -2.21
C ILE D 5 13.00 10.19 -1.71
N PRO D 6 11.93 9.87 -2.46
CA PRO D 6 10.56 10.15 -1.99
C PRO D 6 10.38 9.68 -0.55
N ASP D 7 9.75 10.54 0.28
CA ASP D 7 9.59 10.17 1.68
C ASP D 7 8.79 8.89 1.83
N GLU D 8 7.89 8.62 0.90
CA GLU D 8 7.05 7.43 1.03
C GLU D 8 7.83 6.12 0.90
N PHE D 9 9.04 6.13 0.34
CA PHE D 9 9.84 4.91 0.18
C PHE D 9 10.76 4.64 1.37
N ARG D 10 10.74 5.50 2.39
CA ARG D 10 11.64 5.42 3.52
C ARG D 10 10.90 4.91 4.74
N CYS D 11 11.60 4.10 5.55
CA CYS D 11 11.00 3.50 6.73
C CYS D 11 10.84 4.52 7.86
N PRO D 12 9.66 4.66 8.43
CA PRO D 12 9.51 5.61 9.55
C PRO D 12 10.50 5.37 10.68
N ILE D 13 11.01 4.15 10.85
CA ILE D 13 11.97 3.82 11.93
C ILE D 13 13.41 3.92 11.47
N SER D 14 13.77 3.29 10.36
CA SER D 14 15.16 3.41 9.97
C SER D 14 15.50 4.73 9.28
N LEU D 15 14.50 5.51 8.84
CA LEU D 15 14.70 6.64 7.93
C LEU D 15 15.48 6.24 6.66
N GLU D 16 15.46 4.96 6.29
CA GLU D 16 16.19 4.42 5.16
C GLU D 16 15.23 3.87 4.12
N LEU D 17 15.62 3.93 2.84
CA LEU D 17 14.89 3.32 1.74
C LEU D 17 14.63 1.83 1.97
N MET D 18 13.36 1.40 1.84
CA MET D 18 12.97 0.07 2.33
C MET D 18 13.28 -1.00 1.31
N GLN D 19 13.83 -2.13 1.78
CA GLN D 19 13.99 -3.31 0.96
C GLN D 19 12.80 -4.27 1.04
N ASP D 20 12.24 -4.49 2.23
CA ASP D 20 11.13 -5.42 2.44
C ASP D 20 10.00 -4.72 3.18
N PRO D 21 9.22 -3.89 2.48
CA PRO D 21 8.10 -3.17 3.13
C PRO D 21 6.97 -4.10 3.55
N VAL D 22 6.54 -3.97 4.80
CA VAL D 22 5.44 -4.75 5.33
C VAL D 22 4.47 -3.79 6.00
N ILE D 23 3.25 -4.25 6.18
CA ILE D 23 2.22 -3.39 6.71
C ILE D 23 1.51 -4.07 7.88
N VAL D 24 1.27 -3.29 8.94
CA VAL D 24 0.66 -3.76 10.18
C VAL D 24 -0.80 -3.32 10.16
N SER D 25 -1.60 -3.83 11.10
CA SER D 25 -3.05 -3.68 10.98
C SER D 25 -3.49 -2.21 10.95
N SER D 26 -2.68 -1.31 11.50
CA SER D 26 -3.00 0.12 11.48
C SER D 26 -2.95 0.71 10.09
N GLY D 27 -2.31 0.03 9.15
CA GLY D 27 -2.18 0.53 7.80
C GLY D 27 -0.89 1.23 7.51
N GLN D 28 -0.01 1.40 8.50
CA GLN D 28 1.30 1.98 8.25
C GLN D 28 2.27 0.90 7.73
N THR D 29 3.31 1.35 7.06
CA THR D 29 4.28 0.49 6.43
C THR D 29 5.66 0.80 6.99
N TYR D 30 6.43 -0.26 7.27
CA TYR D 30 7.77 -0.20 7.83
C TYR D 30 8.60 -1.30 7.16
N GLU D 31 9.93 -1.13 7.23
CA GLU D 31 10.84 -2.25 6.96
C GLU D 31 10.56 -3.39 7.92
N ARG D 32 10.65 -4.64 7.42
CA ARG D 32 10.29 -5.79 8.25
C ARG D 32 11.16 -5.88 9.51
N SER D 33 12.49 -5.87 9.33
CA SER D 33 13.38 -5.99 10.48
C SER D 33 13.04 -4.95 11.56
N CYS D 34 12.87 -3.68 11.17
CA CYS D 34 12.67 -2.60 12.14
C CYS D 34 11.37 -2.78 12.95
N ILE D 35 10.25 -3.03 12.28
CA ILE D 35 9.00 -3.21 13.03
C ILE D 35 9.06 -4.49 13.86
N GLN D 36 9.81 -5.50 13.40
CA GLN D 36 9.95 -6.71 14.20
C GLN D 36 10.66 -6.41 15.52
N LYS D 37 11.78 -5.68 15.47
CA LYS D 37 12.49 -5.41 16.72
C LYS D 37 11.58 -4.72 17.73
N TRP D 38 10.64 -3.89 17.25
CA TRP D 38 9.76 -3.16 18.17
C TRP D 38 8.72 -4.09 18.79
N LEU D 39 8.23 -5.05 18.00
CA LEU D 39 7.24 -5.98 18.51
C LEU D 39 7.88 -7.01 19.44
N ASP D 40 9.07 -7.49 19.07
CA ASP D 40 9.84 -8.42 19.89
C ASP D 40 10.24 -7.81 21.22
N SER D 41 10.31 -6.48 21.32
CA SER D 41 10.54 -5.84 22.60
C SER D 41 9.27 -5.74 23.44
N GLY D 42 8.18 -6.37 23.01
CA GLY D 42 6.97 -6.38 23.82
C GLY D 42 6.06 -5.19 23.67
N HIS D 43 6.32 -4.30 22.72
CA HIS D 43 5.39 -3.25 22.38
C HIS D 43 4.46 -3.75 21.29
N LYS D 44 3.16 -3.66 21.54
CA LYS D 44 2.16 -4.07 20.56
C LYS D 44 1.37 -2.87 20.06
N THR D 45 2.09 -1.78 19.79
CA THR D 45 1.52 -0.53 19.32
C THR D 45 2.20 -0.09 18.03
N CYS D 46 1.46 0.64 17.19
CA CYS D 46 2.01 1.20 15.94
C CYS D 46 2.97 2.36 16.21
N PRO D 47 4.23 2.28 15.77
CA PRO D 47 5.17 3.36 16.09
C PRO D 47 4.73 4.73 15.65
N LYS D 48 4.03 4.82 14.52
CA LYS D 48 3.69 6.11 13.92
C LYS D 48 2.37 6.67 14.44
N THR D 49 1.32 5.87 14.54
CA THR D 49 0.04 6.33 15.05
C THR D 49 -0.12 6.12 16.55
N GLN D 50 0.86 5.52 17.21
CA GLN D 50 0.81 5.20 18.63
C GLN D 50 -0.54 4.58 19.02
N GLN D 51 -1.26 4.00 18.05
CA GLN D 51 -2.45 3.29 18.44
C GLN D 51 -2.08 1.83 18.63
N PRO D 52 -2.75 1.09 19.52
CA PRO D 52 -2.36 -0.30 19.77
C PRO D 52 -2.72 -1.20 18.61
N LEU D 53 -1.78 -2.07 18.25
CA LEU D 53 -1.92 -2.89 17.05
C LEU D 53 -2.95 -3.97 17.29
N SER D 54 -3.97 -3.96 16.41
CA SER D 54 -5.09 -4.89 16.37
C SER D 54 -4.72 -6.26 15.84
N HIS D 55 -3.46 -6.52 15.54
CA HIS D 55 -2.95 -7.88 15.40
C HIS D 55 -1.46 -7.72 15.24
N THR D 56 -0.79 -8.81 14.94
CA THR D 56 0.65 -8.78 14.73
C THR D 56 1.09 -9.35 13.39
N SER D 57 0.19 -9.93 12.57
CA SER D 57 0.65 -10.45 11.29
C SER D 57 1.29 -9.32 10.49
N LEU D 58 2.45 -9.60 9.90
CA LEU D 58 3.10 -8.64 9.02
C LEU D 58 2.86 -9.09 7.59
N THR D 59 1.91 -8.46 6.92
CA THR D 59 1.65 -8.79 5.53
C THR D 59 2.56 -7.95 4.61
N PRO D 60 3.11 -8.53 3.55
CA PRO D 60 3.96 -7.74 2.65
C PRO D 60 3.17 -6.69 1.85
N ASN D 61 3.77 -5.51 1.72
CA ASN D 61 3.26 -4.47 0.85
C ASN D 61 3.93 -4.58 -0.53
N PHE D 62 3.39 -5.50 -1.36
CA PHE D 62 4.00 -5.79 -2.66
C PHE D 62 3.92 -4.61 -3.59
N VAL D 63 2.76 -3.94 -3.64
CA VAL D 63 2.66 -2.85 -4.60
C VAL D 63 3.71 -1.81 -4.30
N LEU D 64 4.01 -1.59 -3.01
CA LEU D 64 5.02 -0.61 -2.66
C LEU D 64 6.41 -1.08 -3.05
N LYS D 65 6.71 -2.36 -2.79
CA LYS D 65 8.00 -2.91 -3.20
C LYS D 65 8.23 -2.78 -4.69
N SER D 66 7.21 -3.06 -5.51
CA SER D 66 7.32 -2.88 -6.94
C SER D 66 7.64 -1.42 -7.31
N LEU D 67 6.88 -0.46 -6.78
CA LEU D 67 7.13 0.95 -7.06
C LEU D 67 8.54 1.37 -6.68
N ILE D 68 9.08 0.79 -5.61
CA ILE D 68 10.44 1.12 -5.18
C ILE D 68 11.43 0.58 -6.19
N SER D 69 11.14 -0.58 -6.75
CA SER D 69 12.02 -1.15 -7.75
C SER D 69 12.00 -0.33 -9.04
N GLN D 70 10.83 0.14 -9.47
CA GLN D 70 10.79 0.93 -10.70
C GLN D 70 11.48 2.26 -10.52
N TRP D 71 11.32 2.88 -9.36
CA TRP D 71 12.05 4.09 -9.06
C TRP D 71 13.55 3.83 -9.01
N CYS D 72 13.96 2.73 -8.39
CA CYS D 72 15.40 2.42 -8.31
C CYS D 72 15.99 2.19 -9.68
N GLU D 73 15.36 1.34 -10.48
CA GLU D 73 15.90 1.06 -11.82
C GLU D 73 15.94 2.31 -12.67
N ALA D 74 14.94 3.20 -12.54
CA ALA D 74 14.82 4.30 -13.49
C ALA D 74 15.73 5.46 -13.17
N ASN D 75 16.32 5.49 -11.96
CA ASN D 75 17.26 6.53 -11.55
C ASN D 75 18.68 6.01 -11.45
N GLY D 76 18.87 4.70 -11.43
CA GLY D 76 20.18 4.12 -11.31
C GLY D 76 20.55 3.65 -9.94
N ILE D 77 19.64 3.67 -8.99
CA ILE D 77 20.01 3.20 -7.66
C ILE D 77 19.87 1.68 -7.58
N GLU D 78 20.81 1.02 -6.89
CA GLU D 78 20.66 -0.37 -6.53
C GLU D 78 19.89 -0.45 -5.22
N LEU D 79 19.30 -1.60 -4.94
CA LEU D 79 18.62 -1.74 -3.63
C LEU D 79 19.35 -2.79 -2.80
N PRO D 80 20.41 -2.40 -2.06
CA PRO D 80 21.18 -3.34 -1.24
C PRO D 80 20.28 -4.40 -0.59
#